data_6X7A
#
_entry.id   6X7A
#
_cell.length_a   175.108
_cell.length_b   175.108
_cell.length_c   123.740
_cell.angle_alpha   90.000
_cell.angle_beta   90.000
_cell.angle_gamma   120.000
#
_symmetry.space_group_name_H-M   'H 3 2'
#
loop_
_entity.id
_entity.type
_entity.pdbx_description
1 polymer 'N-acetyltransferase Eis'
2 non-polymer 4-(4-cyclohexyl-3,4-dihydro-2~{H}-pyridin-1-yl)-1-(4-$l^{2}-fluoranylcyclohexa-1,3,5-trien-1-yl)butan-1-one
3 non-polymer DI(HYDROXYETHYL)ETHER
4 non-polymer GLYCEROL
5 non-polymer 'DIMETHYL SULFOXIDE'
6 non-polymer 'CHLORIDE ION'
7 water water
#
_entity_poly.entity_id   1
_entity_poly.type   'polypeptide(L)'
_entity_poly.pdbx_seq_one_letter_code
;MGSSHHHHHHSSGLVPRGSHMTVTLCSPTEDDWPGMFLLAAASFTDFIGPESATAWRTLVPTDGAVVVRDGAGPGSEVVG
MALYMDLRLTVPGEVVLPTAGLSFVAVAPTHRRRGLLRAMCAELHRRIADSGYPVAALHASEGGIYGRFGYGPATTLHEL
TVDRRFARFHADAPGGGLGGSSVRLVRPTEHRGEFEAIYERWRQQVPGGLLRPQVLWDELLAEAKAAPGGDRESFALLHP
DGYALYRVDRTDLKLARVSELRAVTADAHCALWRALIGLDSMERISIITHPQDPLPHLLTDTRLARTTWRQDGLWLRIMN
VPAALEARGYAHEVGEFSTVLEVSDGGRFALKIGDGRARCTPTDAAAEIEMDRDVLGSLYLGAHRASTLAAANRLRTKDS
QLLRRLDAAFASDVPVQTAFEF
;
_entity_poly.pdbx_strand_id   AAA
#
loop_
_chem_comp.id
_chem_comp.type
_chem_comp.name
_chem_comp.formula
CL non-polymer 'CHLORIDE ION' 'Cl -1'
DMS non-polymer 'DIMETHYL SULFOXIDE' 'C2 H6 O S'
GOL non-polymer GLYCEROL 'C3 H8 O3'
PEG non-polymer DI(HYDROXYETHYL)ETHER 'C4 H10 O3'
UTD non-polymer 4-(4-cyclohexyl-3,4-dihydro-2~{H}-pyridin-1-yl)-1-(4-$l^{2}-fluoranylcyclohexa-1,3,5-trien-1-yl)butan-1-one 'C21 H21 Cl F N O'
#
# COMPACT_ATOMS: atom_id res chain seq x y z
N THR A 24 24.90 -10.30 18.56
CA THR A 24 23.78 -11.27 18.84
C THR A 24 22.45 -10.64 18.45
N LEU A 25 21.41 -11.48 18.24
CA LEU A 25 20.07 -11.07 17.74
C LEU A 25 19.01 -11.45 18.79
N CYS A 26 18.30 -10.46 19.34
CA CYS A 26 17.34 -10.61 20.47
C CYS A 26 16.07 -9.81 20.22
N SER A 27 14.96 -10.21 20.86
CA SER A 27 13.78 -9.34 21.07
C SER A 27 14.20 -8.21 22.01
N PRO A 28 13.90 -6.93 21.71
CA PRO A 28 14.32 -5.83 22.56
C PRO A 28 13.56 -5.80 23.89
N THR A 29 14.25 -5.42 24.97
CA THR A 29 13.66 -5.06 26.29
C THR A 29 13.27 -3.58 26.25
N GLU A 30 12.54 -3.09 27.25
CA GLU A 30 12.14 -1.67 27.37
C GLU A 30 13.41 -0.79 27.32
N ASP A 31 14.53 -1.29 27.85
CA ASP A 31 15.84 -0.57 27.93
C ASP A 31 16.41 -0.31 26.53
N ASP A 32 16.05 -1.13 25.54
CA ASP A 32 16.62 -1.08 24.16
C ASP A 32 16.00 0.06 23.34
N TRP A 33 14.81 0.55 23.71
CA TRP A 33 14.00 1.43 22.83
C TRP A 33 14.62 2.81 22.67
N PRO A 34 15.25 3.43 23.71
CA PRO A 34 16.02 4.66 23.49
C PRO A 34 17.14 4.49 22.43
N GLY A 35 17.88 3.38 22.49
CA GLY A 35 18.90 3.01 21.49
C GLY A 35 18.30 2.83 20.09
N MET A 36 17.08 2.29 20.02
CA MET A 36 16.35 2.07 18.74
C MET A 36 15.91 3.42 18.16
N PHE A 37 15.45 4.34 19.01
CA PHE A 37 15.03 5.72 18.61
C PHE A 37 16.25 6.52 18.11
N LEU A 38 17.42 6.33 18.72
CA LEU A 38 18.67 6.96 18.22
C LEU A 38 18.97 6.46 16.81
N LEU A 39 19.03 5.14 16.63
CA LEU A 39 19.27 4.51 15.30
C LEU A 39 18.21 5.02 14.30
N ALA A 40 16.96 5.13 14.73
CA ALA A 40 15.81 5.60 13.91
C ALA A 40 16.07 7.03 13.42
N ALA A 41 16.36 7.94 14.35
CA ALA A 41 16.65 9.37 14.09
C ALA A 41 17.80 9.50 13.08
N ALA A 42 18.82 8.65 13.18
CA ALA A 42 20.03 8.68 12.33
C ALA A 42 19.77 8.01 10.98
N SER A 43 18.74 7.16 10.87
CA SER A 43 18.48 6.31 9.67
C SER A 43 17.36 6.91 8.80
N PHE A 44 16.36 7.54 9.42
CA PHE A 44 15.10 7.99 8.75
C PHE A 44 14.99 9.51 8.87
N THR A 45 15.14 10.23 7.76
CA THR A 45 15.02 11.71 7.72
C THR A 45 13.58 12.09 8.08
N ASP A 46 12.62 11.22 7.78
CA ASP A 46 11.18 11.44 8.10
C ASP A 46 10.82 10.76 9.43
N PHE A 47 11.79 10.49 10.32
CA PHE A 47 11.54 9.86 11.64
C PHE A 47 10.48 10.68 12.37
N ILE A 48 9.40 10.03 12.81
CA ILE A 48 8.18 10.68 13.39
C ILE A 48 8.46 11.15 14.82
N GLY A 49 9.58 10.72 15.42
CA GLY A 49 10.00 11.11 16.79
C GLY A 49 9.52 10.11 17.84
N PRO A 50 10.12 10.11 19.06
CA PRO A 50 9.82 9.12 20.09
C PRO A 50 8.37 9.06 20.59
N GLU A 51 7.69 10.21 20.74
CA GLU A 51 6.26 10.26 21.16
C GLU A 51 5.42 9.46 20.18
N SER A 52 5.48 9.82 18.89
CA SER A 52 4.69 9.19 17.79
C SER A 52 5.10 7.72 17.60
N ALA A 53 6.40 7.43 17.62
CA ALA A 53 6.96 6.07 17.50
C ALA A 53 6.40 5.17 18.63
N THR A 54 6.27 5.73 19.83
CA THR A 54 5.70 5.04 21.02
C THR A 54 4.22 4.68 20.76
N ALA A 55 3.50 5.50 20.00
CA ALA A 55 2.08 5.25 19.63
C ALA A 55 2.00 4.13 18.59
N TRP A 56 2.84 4.16 17.55
CA TRP A 56 2.92 3.10 16.51
C TRP A 56 3.29 1.76 17.16
N ARG A 57 4.11 1.80 18.21
CA ARG A 57 4.56 0.63 18.99
C ARG A 57 3.37 -0.23 19.44
N THR A 58 2.23 0.38 19.74
CA THR A 58 1.00 -0.33 20.22
C THR A 58 0.51 -1.32 19.15
N LEU A 59 0.95 -1.19 17.88
CA LEU A 59 0.55 -2.09 16.77
C LEU A 59 1.54 -3.25 16.61
N VAL A 60 2.66 -3.24 17.35
CA VAL A 60 3.69 -4.30 17.28
C VAL A 60 3.34 -5.36 18.32
N PRO A 61 3.12 -6.64 17.91
CA PRO A 61 2.81 -7.69 18.89
C PRO A 61 4.04 -8.03 19.73
N THR A 62 3.83 -8.68 20.88
CA THR A 62 4.88 -9.36 21.67
C THR A 62 5.73 -10.18 20.69
N ASP A 63 7.05 -10.05 20.75
CA ASP A 63 7.99 -10.80 19.86
C ASP A 63 7.85 -10.35 18.40
N GLY A 64 7.30 -9.15 18.17
CA GLY A 64 7.20 -8.55 16.82
C GLY A 64 8.46 -7.80 16.40
N ALA A 65 9.41 -7.61 17.32
CA ALA A 65 10.64 -6.80 17.11
C ALA A 65 11.89 -7.63 17.36
N VAL A 66 12.94 -7.39 16.56
CA VAL A 66 14.33 -7.91 16.79
C VAL A 66 15.29 -6.73 16.80
N VAL A 67 16.34 -6.82 17.62
CA VAL A 67 17.49 -5.86 17.63
C VAL A 67 18.78 -6.67 17.56
N VAL A 68 19.82 -6.07 16.99
CA VAL A 68 21.23 -6.54 17.07
C VAL A 68 21.99 -5.56 17.97
N ARG A 69 22.65 -6.07 19.00
CA ARG A 69 23.57 -5.28 19.87
C ARG A 69 25.02 -5.69 19.55
N ASP A 70 25.95 -4.76 19.65
CA ASP A 70 27.41 -5.01 19.47
C ASP A 70 28.04 -5.22 20.85
N GLY A 71 28.33 -6.47 21.20
N SER A 76 25.77 -2.16 25.81
CA SER A 76 26.08 -2.26 24.37
C SER A 76 24.94 -1.65 23.54
N GLU A 77 25.29 -0.95 22.46
CA GLU A 77 24.35 -0.10 21.67
C GLU A 77 23.65 -0.93 20.60
N VAL A 78 22.53 -0.41 20.08
CA VAL A 78 21.69 -1.02 19.02
C VAL A 78 22.30 -0.65 17.67
N VAL A 79 22.71 -1.66 16.89
CA VAL A 79 23.37 -1.49 15.57
C VAL A 79 22.47 -2.06 14.45
N GLY A 80 21.38 -2.73 14.82
CA GLY A 80 20.37 -3.22 13.86
C GLY A 80 19.03 -3.38 14.53
N MET A 81 17.94 -3.12 13.80
CA MET A 81 16.58 -3.37 14.30
C MET A 81 15.63 -3.61 13.13
N ALA A 82 14.54 -4.32 13.42
CA ALA A 82 13.45 -4.62 12.48
C ALA A 82 12.25 -5.07 13.30
N LEU A 83 11.05 -4.72 12.87
CA LEU A 83 9.82 -5.18 13.53
C LEU A 83 8.72 -5.35 12.48
N TYR A 84 7.61 -5.94 12.89
CA TYR A 84 6.37 -6.01 12.09
C TYR A 84 5.21 -5.61 13.00
N MET A 85 4.18 -5.05 12.36
CA MET A 85 2.92 -4.65 13.01
C MET A 85 1.81 -5.58 12.53
N ASP A 86 0.81 -5.80 13.37
CA ASP A 86 -0.41 -6.55 13.03
C ASP A 86 -1.31 -5.66 12.18
N LEU A 87 -1.45 -5.96 10.88
CA LEU A 87 -2.28 -5.19 9.93
C LEU A 87 -3.39 -6.08 9.37
N ARG A 88 -4.40 -5.45 8.76
CA ARG A 88 -5.49 -6.12 8.03
C ARG A 88 -5.52 -5.54 6.62
N LEU A 89 -5.21 -6.37 5.63
CA LEU A 89 -5.07 -5.98 4.21
C LEU A 89 -6.25 -6.55 3.42
N THR A 90 -6.93 -5.71 2.66
CA THR A 90 -8.01 -6.11 1.73
C THR A 90 -7.36 -6.57 0.42
N VAL A 91 -7.79 -7.73 -0.09
CA VAL A 91 -7.28 -8.32 -1.36
C VAL A 91 -8.49 -8.51 -2.27
N PRO A 92 -8.31 -8.78 -3.59
CA PRO A 92 -9.44 -8.90 -4.50
C PRO A 92 -10.50 -9.88 -3.97
N GLY A 93 -11.78 -9.53 -4.14
CA GLY A 93 -12.94 -10.28 -3.61
C GLY A 93 -13.40 -9.72 -2.26
N GLU A 94 -12.88 -8.55 -1.86
CA GLU A 94 -13.19 -7.89 -0.55
C GLU A 94 -12.83 -8.83 0.61
N VAL A 95 -11.79 -9.64 0.44
CA VAL A 95 -11.28 -10.57 1.48
C VAL A 95 -10.23 -9.81 2.30
N VAL A 96 -10.30 -9.89 3.62
CA VAL A 96 -9.36 -9.20 4.56
C VAL A 96 -8.41 -10.24 5.14
N LEU A 97 -7.10 -10.09 4.89
CA LEU A 97 -6.05 -11.02 5.39
C LEU A 97 -5.32 -10.39 6.58
N PRO A 98 -5.03 -11.18 7.64
CA PRO A 98 -4.04 -10.77 8.64
C PRO A 98 -2.70 -10.63 7.91
N THR A 99 -2.02 -9.50 8.10
CA THR A 99 -0.80 -9.13 7.36
C THR A 99 0.24 -8.63 8.36
N ALA A 100 1.47 -9.15 8.27
CA ALA A 100 2.64 -8.66 9.04
C ALA A 100 3.25 -7.49 8.26
N GLY A 101 3.10 -6.27 8.78
CA GLY A 101 3.65 -5.04 8.17
C GLY A 101 5.06 -4.76 8.68
N LEU A 102 6.08 -5.14 7.92
CA LEU A 102 7.50 -4.85 8.29
C LEU A 102 7.71 -3.34 8.26
N SER A 103 8.47 -2.83 9.23
CA SER A 103 8.72 -1.40 9.44
C SER A 103 9.92 -1.21 10.35
N PHE A 104 10.41 0.04 10.44
CA PHE A 104 11.44 0.46 11.42
C PHE A 104 12.69 -0.41 11.24
N VAL A 105 13.02 -0.73 9.99
CA VAL A 105 14.18 -1.59 9.60
C VAL A 105 15.39 -0.69 9.37
N ALA A 106 16.49 -0.91 10.10
CA ALA A 106 17.70 -0.08 10.03
C ALA A 106 18.92 -0.87 10.50
N VAL A 107 20.03 -0.67 9.78
CA VAL A 107 21.39 -1.11 10.18
C VAL A 107 22.23 0.16 10.37
N ALA A 108 22.97 0.24 11.47
CA ALA A 108 23.86 1.37 11.80
C ALA A 108 24.86 1.56 10.66
N PRO A 109 25.25 2.81 10.33
CA PRO A 109 26.19 3.06 9.24
C PRO A 109 27.57 2.45 9.55
N THR A 110 27.80 2.15 10.82
CA THR A 110 29.05 1.55 11.38
C THR A 110 29.09 0.03 11.12
N HIS A 111 27.98 -0.60 10.72
CA HIS A 111 27.82 -2.08 10.66
C HIS A 111 27.21 -2.54 9.33
N ARG A 112 27.47 -1.80 8.24
CA ARG A 112 27.05 -2.20 6.86
C ARG A 112 27.83 -3.45 6.45
N ARG A 113 27.29 -4.20 5.48
CA ARG A 113 27.95 -5.34 4.79
C ARG A 113 28.40 -6.39 5.82
N ARG A 114 27.60 -6.62 6.86
CA ARG A 114 27.89 -7.61 7.93
C ARG A 114 26.75 -8.64 8.02
N GLY A 115 25.84 -8.65 7.04
CA GLY A 115 24.70 -9.57 6.95
C GLY A 115 23.67 -9.37 8.05
N LEU A 116 23.59 -8.18 8.66
CA LEU A 116 22.64 -7.89 9.77
C LEU A 116 21.20 -7.86 9.23
N LEU A 117 20.98 -7.25 8.06
CA LEU A 117 19.63 -7.17 7.44
C LEU A 117 19.12 -8.59 7.16
N ARG A 118 19.95 -9.43 6.53
CA ARG A 118 19.59 -10.83 6.14
C ARG A 118 19.20 -11.61 7.40
N ALA A 119 20.00 -11.50 8.47
CA ALA A 119 19.80 -12.18 9.77
C ALA A 119 18.48 -11.73 10.43
N MET A 120 18.20 -10.42 10.43
CA MET A 120 16.98 -9.86 11.06
C MET A 120 15.74 -10.25 10.25
N CYS A 121 15.80 -10.21 8.91
CA CYS A 121 14.69 -10.56 8.00
C CYS A 121 14.38 -12.07 8.13
N ALA A 122 15.42 -12.92 8.22
CA ALA A 122 15.27 -14.38 8.39
C ALA A 122 14.52 -14.68 9.69
N GLU A 123 14.88 -14.01 10.80
CA GLU A 123 14.28 -14.26 12.13
C GLU A 123 12.82 -13.79 12.15
N LEU A 124 12.54 -12.58 11.66
CA LEU A 124 11.15 -12.04 11.64
C LEU A 124 10.27 -12.92 10.76
N HIS A 125 10.76 -13.34 9.58
CA HIS A 125 10.01 -14.21 8.64
C HIS A 125 9.68 -15.54 9.32
N ARG A 126 10.64 -16.10 10.07
CA ARG A 126 10.46 -17.33 10.89
C ARG A 126 9.28 -17.11 11.84
N ARG A 127 9.30 -16.00 12.59
CA ARG A 127 8.27 -15.66 13.59
C ARG A 127 6.92 -15.40 12.92
N ILE A 128 6.92 -14.70 11.77
CA ILE A 128 5.69 -14.32 11.03
C ILE A 128 5.02 -15.60 10.48
N ALA A 129 5.80 -16.48 9.86
CA ALA A 129 5.33 -17.78 9.31
C ALA A 129 4.75 -18.65 10.43
N ASP A 130 5.49 -18.79 11.54
CA ASP A 130 5.10 -19.61 12.73
C ASP A 130 3.83 -19.04 13.37
N SER A 131 3.65 -17.72 13.35
CA SER A 131 2.47 -17.03 13.96
C SER A 131 1.21 -17.24 13.10
N GLY A 132 1.38 -17.65 11.84
CA GLY A 132 0.26 -18.02 10.95
C GLY A 132 -0.21 -16.89 10.05
N TYR A 133 0.62 -15.87 9.80
CA TYR A 133 0.34 -14.82 8.80
C TYR A 133 0.52 -15.41 7.41
N PRO A 134 -0.49 -15.30 6.51
CA PRO A 134 -0.33 -15.74 5.12
C PRO A 134 0.51 -14.80 4.25
N VAL A 135 0.61 -13.52 4.61
CA VAL A 135 1.36 -12.50 3.83
C VAL A 135 2.07 -11.54 4.78
N ALA A 136 3.23 -11.05 4.35
CA ALA A 136 3.95 -9.90 4.93
C ALA A 136 3.95 -8.77 3.90
N ALA A 137 4.08 -7.53 4.36
CA ALA A 137 4.04 -6.32 3.51
C ALA A 137 5.01 -5.28 4.05
N LEU A 138 5.53 -4.43 3.16
CA LEU A 138 6.36 -3.26 3.54
C LEU A 138 6.28 -2.18 2.45
N HIS A 139 6.70 -0.98 2.82
CA HIS A 139 7.06 0.14 1.92
C HIS A 139 8.59 0.21 1.87
N ALA A 140 9.17 0.22 0.67
CA ALA A 140 10.63 0.08 0.45
C ALA A 140 11.27 1.48 0.37
N SER A 141 12.33 1.70 1.16
CA SER A 141 13.18 2.92 1.11
C SER A 141 13.93 2.99 -0.23
N GLU A 142 14.37 1.83 -0.73
CA GLU A 142 15.01 1.68 -2.07
C GLU A 142 14.37 0.47 -2.78
N GLY A 143 14.38 0.46 -4.12
CA GLY A 143 13.71 -0.58 -4.92
C GLY A 143 14.55 -1.84 -5.11
N GLY A 144 15.83 -1.83 -4.73
CA GLY A 144 16.79 -2.91 -5.03
C GLY A 144 17.02 -3.89 -3.88
N ILE A 145 16.38 -3.69 -2.73
CA ILE A 145 16.70 -4.40 -1.47
C ILE A 145 15.86 -5.67 -1.32
N TYR A 146 14.52 -5.55 -1.43
CA TYR A 146 13.56 -6.49 -0.80
C TYR A 146 13.15 -7.64 -1.74
N GLY A 147 13.43 -7.52 -3.05
CA GLY A 147 13.22 -8.61 -4.02
C GLY A 147 13.88 -9.90 -3.59
N ARG A 148 15.11 -9.84 -3.07
CA ARG A 148 15.92 -11.02 -2.71
C ARG A 148 15.36 -11.71 -1.45
N PHE A 149 14.52 -11.01 -0.67
CA PHE A 149 13.84 -11.56 0.54
C PHE A 149 12.40 -11.98 0.21
N GLY A 150 12.03 -11.98 -1.07
CA GLY A 150 10.76 -12.52 -1.58
C GLY A 150 9.64 -11.50 -1.66
N TYR A 151 9.93 -10.20 -1.48
CA TYR A 151 8.93 -9.10 -1.59
C TYR A 151 8.87 -8.62 -3.05
N GLY A 152 7.65 -8.54 -3.59
CA GLY A 152 7.39 -7.95 -4.92
C GLY A 152 6.53 -6.70 -4.79
N PRO A 153 6.79 -5.65 -5.59
CA PRO A 153 5.93 -4.46 -5.59
C PRO A 153 4.53 -4.84 -6.07
N ALA A 154 3.52 -4.49 -5.27
CA ALA A 154 2.12 -5.00 -5.38
C ALA A 154 1.13 -3.86 -5.68
N THR A 155 1.47 -2.61 -5.35
CA THR A 155 0.68 -1.40 -5.71
C THR A 155 1.59 -0.37 -6.38
N THR A 156 1.00 0.52 -7.18
CA THR A 156 1.69 1.60 -7.92
C THR A 156 1.17 2.94 -7.45
N LEU A 157 2.06 3.78 -6.92
CA LEU A 157 1.79 5.21 -6.63
C LEU A 157 1.92 5.99 -7.94
N HIS A 158 0.94 6.85 -8.18
CA HIS A 158 0.77 7.64 -9.41
C HIS A 158 0.45 9.06 -8.98
N GLU A 159 1.41 9.98 -9.07
CA GLU A 159 1.16 11.41 -8.74
C GLU A 159 0.56 12.10 -9.97
N LEU A 160 -0.64 12.67 -9.80
CA LEU A 160 -1.28 13.58 -10.80
C LEU A 160 -1.15 15.02 -10.30
N THR A 161 -0.71 15.91 -11.19
CA THR A 161 -0.72 17.38 -10.99
C THR A 161 -1.70 17.99 -12.01
N VAL A 162 -2.72 18.68 -11.51
CA VAL A 162 -3.75 19.38 -12.33
C VAL A 162 -3.42 20.88 -12.36
N ASP A 163 -3.21 21.47 -13.54
CA ASP A 163 -3.22 22.96 -13.68
C ASP A 163 -4.69 23.38 -13.68
N ARG A 164 -5.19 23.69 -12.48
CA ARG A 164 -6.64 23.90 -12.20
C ARG A 164 -7.14 25.19 -12.86
N ARG A 165 -6.25 26.07 -13.32
CA ARG A 165 -6.65 27.33 -14.00
C ARG A 165 -7.31 27.01 -15.35
N PHE A 166 -6.96 25.90 -15.98
CA PHE A 166 -7.49 25.47 -17.31
C PHE A 166 -8.56 24.38 -17.17
N ALA A 167 -8.72 23.79 -15.98
CA ALA A 167 -9.56 22.60 -15.76
C ALA A 167 -11.04 22.98 -15.91
N ARG A 168 -11.72 22.33 -16.87
CA ARG A 168 -13.19 22.40 -17.06
C ARG A 168 -13.74 20.98 -17.00
N PHE A 169 -14.85 20.78 -16.28
CA PHE A 169 -15.50 19.46 -16.14
C PHE A 169 -16.25 19.14 -17.44
N HIS A 170 -16.19 17.88 -17.86
CA HIS A 170 -16.91 17.34 -19.04
C HIS A 170 -18.41 17.44 -18.77
N ALA A 171 -19.20 17.67 -19.81
CA ALA A 171 -20.69 17.66 -19.79
C ALA A 171 -21.20 16.41 -19.07
N ASP A 172 -20.52 15.27 -19.22
CA ASP A 172 -20.94 13.94 -18.69
C ASP A 172 -20.62 13.81 -17.19
N ALA A 173 -19.70 14.61 -16.65
CA ALA A 173 -19.21 14.48 -15.26
C ALA A 173 -20.38 14.66 -14.29
N PRO A 174 -20.55 13.78 -13.28
CA PRO A 174 -21.61 13.95 -12.29
C PRO A 174 -21.53 15.27 -11.49
N GLY A 175 -22.68 15.74 -11.01
CA GLY A 175 -22.78 16.84 -10.02
C GLY A 175 -22.51 18.21 -10.63
N GLY A 176 -22.98 18.44 -11.87
CA GLY A 176 -22.90 19.75 -12.55
C GLY A 176 -24.28 20.38 -12.69
N GLY A 177 -25.10 20.27 -11.63
CA GLY A 177 -26.52 20.69 -11.62
C GLY A 177 -26.77 21.89 -10.71
N GLY A 180 -27.54 23.27 -4.51
CA GLY A 180 -26.48 23.33 -3.48
C GLY A 180 -25.36 22.36 -3.75
N SER A 181 -24.17 22.61 -3.18
CA SER A 181 -23.04 21.65 -3.16
C SER A 181 -23.22 20.70 -1.97
N SER A 182 -22.93 19.42 -2.20
CA SER A 182 -22.97 18.33 -1.19
C SER A 182 -21.66 18.30 -0.38
N VAL A 183 -20.67 19.11 -0.75
CA VAL A 183 -19.31 19.12 -0.14
C VAL A 183 -19.18 20.33 0.80
N ARG A 184 -18.58 20.11 1.97
CA ARG A 184 -18.32 21.15 3.00
C ARG A 184 -16.81 21.29 3.20
N LEU A 185 -16.34 22.54 3.29
CA LEU A 185 -14.97 22.87 3.76
C LEU A 185 -14.98 22.87 5.29
N VAL A 186 -14.22 21.99 5.93
CA VAL A 186 -14.24 21.82 7.42
C VAL A 186 -12.82 21.71 7.96
N ARG A 187 -12.70 21.88 9.29
CA ARG A 187 -11.47 21.59 10.08
C ARG A 187 -11.44 20.09 10.34
N PRO A 188 -10.35 19.38 9.94
CA PRO A 188 -10.29 17.93 10.12
C PRO A 188 -10.58 17.43 11.56
N THR A 189 -10.06 18.11 12.58
CA THR A 189 -10.15 17.66 14.00
C THR A 189 -11.61 17.65 14.49
N GLU A 190 -12.52 18.36 13.81
CA GLU A 190 -13.93 18.53 14.25
C GLU A 190 -14.84 17.48 13.61
N HIS A 191 -14.32 16.63 12.72
CA HIS A 191 -15.13 15.67 11.91
C HIS A 191 -14.45 14.30 11.85
N ARG A 192 -13.78 13.90 12.94
CA ARG A 192 -12.99 12.64 13.03
C ARG A 192 -13.91 11.44 12.78
N GLY A 193 -15.04 11.38 13.49
CA GLY A 193 -16.05 10.32 13.37
C GLY A 193 -16.46 10.08 11.92
N GLU A 194 -16.68 11.15 11.15
CA GLU A 194 -17.13 11.06 9.73
C GLU A 194 -16.00 10.51 8.87
N PHE A 195 -14.75 10.98 9.07
CA PHE A 195 -13.57 10.51 8.31
C PHE A 195 -13.36 9.01 8.57
N GLU A 196 -13.41 8.61 9.85
CA GLU A 196 -13.22 7.20 10.30
C GLU A 196 -14.23 6.30 9.58
N ALA A 197 -15.51 6.68 9.57
CA ALA A 197 -16.63 5.90 9.00
C ALA A 197 -16.46 5.79 7.48
N ILE A 198 -16.10 6.88 6.79
CA ILE A 198 -15.91 6.88 5.31
C ILE A 198 -14.71 5.96 4.98
N TYR A 199 -13.60 6.11 5.70
CA TYR A 199 -12.36 5.33 5.47
C TYR A 199 -12.64 3.84 5.68
N GLU A 200 -13.40 3.50 6.72
CA GLU A 200 -13.73 2.09 7.09
C GLU A 200 -14.52 1.45 5.93
N ARG A 201 -15.43 2.20 5.31
CA ARG A 201 -16.19 1.73 4.11
C ARG A 201 -15.22 1.53 2.94
N TRP A 202 -14.35 2.51 2.71
CA TRP A 202 -13.36 2.52 1.60
C TRP A 202 -12.42 1.30 1.70
N ARG A 203 -11.82 1.07 2.87
CA ARG A 203 -10.70 0.11 3.04
C ARG A 203 -11.24 -1.32 2.85
N GLN A 204 -12.51 -1.56 3.18
CA GLN A 204 -13.16 -2.89 3.06
C GLN A 204 -13.50 -3.23 1.61
N GLN A 205 -13.64 -2.25 0.71
CA GLN A 205 -14.11 -2.53 -0.68
C GLN A 205 -12.95 -2.42 -1.69
N VAL A 206 -11.77 -1.95 -1.29
CA VAL A 206 -10.64 -1.66 -2.23
C VAL A 206 -9.45 -2.57 -1.90
N PRO A 207 -8.96 -3.39 -2.86
CA PRO A 207 -7.70 -4.10 -2.70
C PRO A 207 -6.55 -3.12 -2.39
N GLY A 208 -5.73 -3.44 -1.41
CA GLY A 208 -4.70 -2.54 -0.86
C GLY A 208 -5.19 -1.80 0.37
N GLY A 209 -6.50 -1.79 0.63
CA GLY A 209 -7.09 -1.18 1.83
C GLY A 209 -6.46 -1.76 3.09
N LEU A 210 -6.13 -0.89 4.06
CA LEU A 210 -5.67 -1.28 5.41
C LEU A 210 -6.64 -0.74 6.45
N LEU A 211 -6.97 -1.55 7.46
CA LEU A 211 -7.62 -1.08 8.71
C LEU A 211 -6.70 0.00 9.29
N ARG A 212 -7.26 1.16 9.62
CA ARG A 212 -6.51 2.26 10.28
C ARG A 212 -6.95 2.30 11.75
N PRO A 213 -6.12 1.79 12.68
CA PRO A 213 -6.49 1.75 14.10
C PRO A 213 -6.57 3.17 14.69
N GLN A 214 -7.14 3.29 15.89
CA GLN A 214 -7.40 4.58 16.56
C GLN A 214 -6.10 5.39 16.74
N VAL A 215 -4.98 4.73 17.08
CA VAL A 215 -3.68 5.43 17.30
C VAL A 215 -3.25 6.14 16.01
N LEU A 216 -3.54 5.58 14.84
CA LEU A 216 -3.12 6.18 13.54
C LEU A 216 -4.05 7.34 13.17
N TRP A 217 -5.31 7.29 13.59
CA TRP A 217 -6.25 8.45 13.51
C TRP A 217 -5.76 9.58 14.43
N ASP A 218 -5.34 9.26 15.66
CA ASP A 218 -4.72 10.23 16.60
C ASP A 218 -3.54 10.92 15.89
N GLU A 219 -2.65 10.13 15.29
CA GLU A 219 -1.42 10.61 14.62
C GLU A 219 -1.78 11.50 13.42
N LEU A 220 -2.70 11.04 12.56
CA LEU A 220 -3.09 11.75 11.31
C LEU A 220 -3.60 13.16 11.66
N LEU A 221 -4.49 13.27 12.65
CA LEU A 221 -5.19 14.55 12.97
C LEU A 221 -4.26 15.49 13.75
N ALA A 222 -3.18 14.98 14.32
CA ALA A 222 -2.10 15.79 14.96
C ALA A 222 -1.21 16.41 13.86
N GLU A 223 -1.01 15.70 12.75
CA GLU A 223 -0.25 16.18 11.56
C GLU A 223 -1.05 17.25 10.79
N ALA A 224 -2.38 17.28 10.97
CA ALA A 224 -3.31 18.25 10.32
C ALA A 224 -3.03 19.67 10.82
N LYS A 225 -2.41 19.78 12.00
CA LYS A 225 -2.01 21.06 12.65
C LYS A 225 -0.87 21.72 11.83
N ALA A 226 -0.87 23.05 11.79
CA ALA A 226 0.27 23.86 11.29
C ALA A 226 1.42 23.77 12.31
N ALA A 227 2.66 23.65 11.84
CA ALA A 227 3.89 23.62 12.67
C ALA A 227 4.75 24.85 12.36
N PRO A 228 5.26 25.57 13.38
CA PRO A 228 6.13 26.73 13.14
C PRO A 228 7.43 26.31 12.44
N GLY A 229 7.69 26.87 11.25
CA GLY A 229 8.83 26.51 10.38
C GLY A 229 8.58 25.24 9.59
N GLY A 230 7.37 24.68 9.68
CA GLY A 230 7.01 23.38 9.08
C GLY A 230 5.80 23.49 8.16
N ASP A 231 4.98 22.43 8.13
CA ASP A 231 3.80 22.30 7.24
C ASP A 231 2.75 23.35 7.63
N ARG A 232 1.96 23.77 6.65
CA ARG A 232 0.82 24.71 6.82
C ARG A 232 -0.37 23.91 7.35
N GLU A 233 -1.41 24.60 7.78
CA GLU A 233 -2.67 24.01 8.31
C GLU A 233 -3.29 23.13 7.21
N SER A 234 -3.81 21.96 7.59
CA SER A 234 -4.59 21.07 6.71
C SER A 234 -6.07 21.45 6.78
N PHE A 235 -6.77 21.36 5.64
CA PHE A 235 -8.24 21.52 5.55
C PHE A 235 -8.81 20.22 5.01
N ALA A 236 -10.12 20.02 5.21
CA ALA A 236 -10.86 18.85 4.72
C ALA A 236 -12.02 19.33 3.86
N LEU A 237 -12.28 18.62 2.77
CA LEU A 237 -13.53 18.69 1.98
C LEU A 237 -14.31 17.41 2.29
N LEU A 238 -15.51 17.58 2.86
CA LEU A 238 -16.33 16.46 3.41
C LEU A 238 -17.62 16.32 2.60
N HIS A 239 -17.84 15.12 2.07
CA HIS A 239 -19.06 14.64 1.38
C HIS A 239 -19.62 13.50 2.23
N PRO A 240 -20.93 13.19 2.19
CA PRO A 240 -21.44 11.99 2.87
C PRO A 240 -20.66 10.70 2.54
N ASP A 241 -20.13 10.58 1.31
CA ASP A 241 -19.53 9.32 0.78
C ASP A 241 -18.06 9.56 0.35
N GLY A 242 -17.40 10.59 0.89
CA GLY A 242 -15.98 10.81 0.61
C GLY A 242 -15.40 12.00 1.37
N TYR A 243 -14.08 12.05 1.50
CA TYR A 243 -13.36 13.24 2.03
C TYR A 243 -12.03 13.38 1.29
N ALA A 244 -11.54 14.62 1.23
CA ALA A 244 -10.19 15.00 0.81
C ALA A 244 -9.53 15.78 1.94
N LEU A 245 -8.31 15.39 2.33
CA LEU A 245 -7.41 16.17 3.22
C LEU A 245 -6.35 16.82 2.34
N TYR A 246 -6.17 18.14 2.45
CA TYR A 246 -5.18 18.88 1.64
C TYR A 246 -4.55 19.99 2.48
N ARG A 247 -3.38 20.43 2.05
CA ARG A 247 -2.67 21.60 2.61
C ARG A 247 -1.90 22.29 1.48
N VAL A 248 -1.73 23.60 1.59
CA VAL A 248 -0.83 24.39 0.70
C VAL A 248 0.61 23.93 1.00
N ASP A 249 1.42 23.76 -0.05
CA ASP A 249 2.84 23.35 0.06
C ASP A 249 3.61 24.42 0.85
N ARG A 250 4.55 23.99 1.69
CA ARG A 250 5.45 24.85 2.52
C ARG A 250 6.04 25.99 1.70
N THR A 251 6.63 25.67 0.55
CA THR A 251 7.54 26.55 -0.23
C THR A 251 6.80 27.07 -1.48
N ASP A 252 6.15 26.18 -2.22
CA ASP A 252 5.34 26.52 -3.42
C ASP A 252 3.91 26.87 -2.97
N LEU A 253 3.63 28.17 -2.81
CA LEU A 253 2.36 28.70 -2.25
C LEU A 253 1.23 28.68 -3.29
N LYS A 254 1.50 28.26 -4.53
CA LYS A 254 0.47 28.11 -5.59
C LYS A 254 0.19 26.62 -5.84
N LEU A 255 0.71 25.72 -4.99
CA LEU A 255 0.48 24.26 -5.06
C LEU A 255 -0.30 23.81 -3.81
N ALA A 256 -1.46 23.17 -4.00
CA ALA A 256 -2.17 22.44 -2.92
C ALA A 256 -1.88 20.94 -3.07
N ARG A 257 -1.42 20.31 -2.00
CA ARG A 257 -1.14 18.85 -1.96
C ARG A 257 -2.29 18.15 -1.24
N VAL A 258 -3.00 17.27 -1.95
CA VAL A 258 -4.01 16.37 -1.36
C VAL A 258 -3.26 15.21 -0.71
N SER A 259 -3.25 15.14 0.62
CA SER A 259 -2.54 14.05 1.37
C SER A 259 -3.34 12.75 1.23
N GLU A 260 -4.66 12.86 1.07
CA GLU A 260 -5.60 11.72 1.19
C GLU A 260 -6.95 12.10 0.57
N LEU A 261 -7.43 11.33 -0.40
CA LEU A 261 -8.82 11.40 -0.92
C LEU A 261 -9.39 9.99 -0.91
N ARG A 262 -10.40 9.75 -0.06
CA ARG A 262 -11.14 8.47 0.04
C ARG A 262 -12.59 8.73 -0.40
N ALA A 263 -12.99 8.16 -1.52
CA ALA A 263 -14.34 8.27 -2.10
C ALA A 263 -14.92 6.88 -2.29
N VAL A 264 -16.14 6.67 -1.80
CA VAL A 264 -16.84 5.35 -1.77
C VAL A 264 -17.78 5.27 -2.98
N THR A 265 -18.11 6.40 -3.60
CA THR A 265 -18.95 6.50 -4.82
C THR A 265 -18.28 7.42 -5.84
N ALA A 266 -18.61 7.26 -7.12
CA ALA A 266 -18.14 8.12 -8.23
C ALA A 266 -18.66 9.55 -8.03
N ASP A 267 -19.89 9.70 -7.53
CA ASP A 267 -20.51 11.02 -7.23
C ASP A 267 -19.64 11.76 -6.21
N ALA A 268 -19.19 11.07 -5.16
CA ALA A 268 -18.33 11.64 -4.09
C ALA A 268 -16.99 12.08 -4.69
N HIS A 269 -16.38 11.22 -5.49
CA HIS A 269 -15.07 11.45 -6.15
C HIS A 269 -15.15 12.72 -7.02
N CYS A 270 -16.17 12.82 -7.87
CA CYS A 270 -16.35 13.99 -8.78
C CYS A 270 -16.62 15.26 -7.97
N ALA A 271 -17.52 15.19 -6.98
CA ALA A 271 -17.92 16.34 -6.14
C ALA A 271 -16.68 16.91 -5.43
N LEU A 272 -15.82 16.04 -4.87
CA LEU A 272 -14.60 16.46 -4.15
C LEU A 272 -13.64 17.14 -5.12
N TRP A 273 -13.52 16.65 -6.37
CA TRP A 273 -12.61 17.23 -7.38
C TRP A 273 -13.15 18.57 -7.89
N ARG A 274 -14.48 18.73 -8.00
CA ARG A 274 -15.12 20.03 -8.33
C ARG A 274 -14.70 21.07 -7.27
N ALA A 275 -14.73 20.69 -5.99
CA ALA A 275 -14.35 21.58 -4.86
C ALA A 275 -12.85 21.90 -4.92
N LEU A 276 -11.99 20.91 -5.18
CA LEU A 276 -10.51 21.11 -5.24
C LEU A 276 -10.16 22.04 -6.41
N ILE A 277 -10.79 21.86 -7.56
CA ILE A 277 -10.60 22.73 -8.75
C ILE A 277 -11.12 24.15 -8.44
N GLY A 278 -12.00 24.29 -7.44
CA GLY A 278 -12.51 25.58 -6.94
C GLY A 278 -11.55 26.30 -6.00
N LEU A 279 -10.35 25.76 -5.72
CA LEU A 279 -9.32 26.46 -4.89
C LEU A 279 -8.63 27.52 -5.77
N ASP A 280 -9.32 28.65 -5.99
CA ASP A 280 -8.98 29.64 -7.05
C ASP A 280 -7.64 30.33 -6.76
N SER A 281 -7.14 30.30 -5.53
CA SER A 281 -5.83 30.91 -5.17
C SER A 281 -4.67 29.98 -5.57
N MET A 282 -4.93 28.72 -5.95
CA MET A 282 -3.88 27.76 -6.37
C MET A 282 -3.77 27.74 -7.90
N GLU A 283 -2.57 27.47 -8.41
CA GLU A 283 -2.30 27.16 -9.84
C GLU A 283 -2.44 25.66 -10.07
N ARG A 284 -1.96 24.85 -9.13
CA ARG A 284 -1.81 23.38 -9.27
C ARG A 284 -2.39 22.67 -8.04
N ILE A 285 -3.09 21.56 -8.27
CA ILE A 285 -3.48 20.54 -7.26
C ILE A 285 -2.71 19.26 -7.60
N SER A 286 -1.99 18.70 -6.63
CA SER A 286 -1.28 17.40 -6.79
C SER A 286 -1.87 16.39 -5.81
N ILE A 287 -1.89 15.13 -6.22
CA ILE A 287 -2.35 13.97 -5.40
C ILE A 287 -1.52 12.76 -5.78
N ILE A 288 -1.14 11.95 -4.78
CA ILE A 288 -0.58 10.59 -4.98
C ILE A 288 -1.77 9.62 -4.97
N THR A 289 -2.09 9.09 -6.14
CA THR A 289 -3.28 8.25 -6.40
C THR A 289 -2.80 6.95 -7.05
N HIS A 290 -3.68 6.26 -7.77
CA HIS A 290 -3.40 4.97 -8.45
C HIS A 290 -3.56 5.16 -9.95
N PRO A 291 -3.01 4.25 -10.79
CA PRO A 291 -3.03 4.43 -12.25
C PRO A 291 -4.43 4.52 -12.88
N GLN A 292 -5.47 3.99 -12.22
CA GLN A 292 -6.85 3.94 -12.77
C GLN A 292 -7.72 5.04 -12.18
N ASP A 293 -7.14 6.05 -11.52
CA ASP A 293 -7.90 7.22 -11.02
C ASP A 293 -8.66 7.80 -12.21
N PRO A 294 -10.01 7.90 -12.14
CA PRO A 294 -10.78 8.44 -13.27
C PRO A 294 -10.73 9.97 -13.45
N LEU A 295 -10.00 10.70 -12.60
CA LEU A 295 -9.92 12.19 -12.62
C LEU A 295 -9.71 12.70 -14.04
N PRO A 296 -8.73 12.21 -14.83
CA PRO A 296 -8.47 12.78 -16.16
C PRO A 296 -9.74 12.81 -17.03
N HIS A 297 -10.58 11.77 -16.93
CA HIS A 297 -11.79 11.57 -17.76
C HIS A 297 -12.95 12.47 -17.32
N LEU A 298 -12.85 13.10 -16.14
CA LEU A 298 -13.83 14.09 -15.64
C LEU A 298 -13.64 15.44 -16.33
N LEU A 299 -12.50 15.67 -16.98
CA LEU A 299 -12.12 16.98 -17.58
C LEU A 299 -12.32 16.93 -19.10
N THR A 300 -12.55 18.08 -19.72
CA THR A 300 -12.66 18.24 -21.19
C THR A 300 -11.28 17.99 -21.82
N ASP A 301 -10.20 18.29 -21.09
CA ASP A 301 -8.80 18.07 -21.51
C ASP A 301 -8.14 17.09 -20.53
N THR A 302 -8.10 15.80 -20.86
CA THR A 302 -7.54 14.71 -20.02
C THR A 302 -6.06 14.99 -19.73
N ARG A 303 -5.39 15.75 -20.59
CA ARG A 303 -3.94 16.02 -20.53
C ARG A 303 -3.62 16.95 -19.34
N LEU A 304 -4.60 17.70 -18.84
CA LEU A 304 -4.43 18.65 -17.70
C LEU A 304 -4.05 17.89 -16.43
N ALA A 305 -4.54 16.67 -16.25
CA ALA A 305 -4.16 15.78 -15.12
C ALA A 305 -2.86 15.05 -15.49
N ARG A 306 -1.72 15.70 -15.29
CA ARG A 306 -0.37 15.23 -15.71
C ARG A 306 0.17 14.25 -14.67
N THR A 307 0.70 13.11 -15.13
CA THR A 307 1.47 12.17 -14.28
C THR A 307 2.87 12.76 -14.10
N THR A 308 3.19 13.19 -12.88
CA THR A 308 4.45 13.91 -12.54
C THR A 308 5.42 12.97 -11.80
N TRP A 309 4.97 11.79 -11.39
CA TRP A 309 5.75 10.83 -10.56
C TRP A 309 5.04 9.48 -10.51
N ARG A 310 5.81 8.40 -10.60
CA ARG A 310 5.33 7.00 -10.50
C ARG A 310 6.35 6.19 -9.69
N GLN A 311 5.87 5.36 -8.76
CA GLN A 311 6.74 4.55 -7.89
C GLN A 311 5.95 3.37 -7.33
N ASP A 312 6.66 2.26 -7.06
CA ASP A 312 6.17 1.12 -6.24
C ASP A 312 5.58 1.68 -4.93
N GLY A 313 4.44 1.15 -4.51
CA GLY A 313 3.80 1.49 -3.21
C GLY A 313 4.02 0.37 -2.21
N LEU A 314 2.98 -0.44 -1.98
CA LEU A 314 3.04 -1.59 -1.04
C LEU A 314 3.78 -2.75 -1.72
N TRP A 315 4.70 -3.38 -0.99
CA TRP A 315 5.38 -4.64 -1.40
C TRP A 315 4.79 -5.80 -0.60
N LEU A 316 4.60 -6.96 -1.23
CA LEU A 316 4.03 -8.18 -0.58
C LEU A 316 5.05 -9.32 -0.67
N ARG A 317 5.23 -10.03 0.45
CA ARG A 317 5.83 -11.39 0.49
C ARG A 317 4.73 -12.37 0.88
N ILE A 318 4.36 -13.25 -0.06
CA ILE A 318 3.46 -14.40 0.20
C ILE A 318 4.21 -15.37 1.13
N MET A 319 3.75 -15.53 2.36
CA MET A 319 4.39 -16.40 3.39
C MET A 319 3.94 -17.85 3.17
N ASN A 320 2.65 -18.04 2.89
CA ASN A 320 1.99 -19.36 2.66
C ASN A 320 1.30 -19.29 1.30
N VAL A 321 1.87 -19.93 0.28
CA VAL A 321 1.39 -19.85 -1.13
C VAL A 321 -0.05 -20.35 -1.22
N PRO A 322 -0.36 -21.61 -0.79
CA PRO A 322 -1.73 -22.12 -0.90
C PRO A 322 -2.77 -21.30 -0.11
N ALA A 323 -2.46 -20.90 1.12
CA ALA A 323 -3.38 -20.08 1.95
C ALA A 323 -3.69 -18.76 1.24
N ALA A 324 -2.67 -18.08 0.71
CA ALA A 324 -2.82 -16.78 0.02
C ALA A 324 -3.63 -16.96 -1.27
N LEU A 325 -3.27 -17.93 -2.12
CA LEU A 325 -3.93 -18.12 -3.43
C LEU A 325 -5.40 -18.55 -3.24
N GLU A 326 -5.70 -19.34 -2.21
CA GLU A 326 -7.09 -19.80 -1.94
C GLU A 326 -7.94 -18.67 -1.33
N ALA A 327 -7.32 -17.71 -0.64
CA ALA A 327 -8.02 -16.67 0.15
C ALA A 327 -8.65 -15.61 -0.76
N ARG A 328 -7.98 -15.20 -1.85
CA ARG A 328 -8.47 -14.08 -2.71
C ARG A 328 -9.49 -14.60 -3.73
N GLY A 329 -10.36 -13.71 -4.20
CA GLY A 329 -11.30 -13.95 -5.32
C GLY A 329 -10.61 -13.73 -6.66
N TYR A 330 -11.09 -14.39 -7.70
CA TYR A 330 -10.54 -14.32 -9.09
C TYR A 330 -11.67 -13.87 -10.02
N ALA A 331 -11.31 -13.37 -11.19
CA ALA A 331 -12.26 -12.88 -12.23
C ALA A 331 -13.21 -14.02 -12.61
N HIS A 332 -14.52 -13.77 -12.60
CA HIS A 332 -15.57 -14.74 -13.02
C HIS A 332 -15.56 -14.91 -14.54
N GLU A 333 -14.98 -13.96 -15.28
CA GLU A 333 -15.07 -13.91 -16.76
C GLU A 333 -14.23 -15.03 -17.38
N VAL A 334 -13.19 -15.51 -16.69
CA VAL A 334 -12.32 -16.62 -17.18
C VAL A 334 -12.98 -17.96 -16.81
N GLY A 335 -13.03 -18.89 -17.76
CA GLY A 335 -13.59 -20.24 -17.55
C GLY A 335 -12.66 -21.06 -16.68
N GLU A 336 -13.21 -22.04 -15.95
CA GLU A 336 -12.43 -22.96 -15.09
C GLU A 336 -11.20 -23.46 -15.85
N PHE A 337 -10.03 -23.46 -15.20
CA PHE A 337 -8.77 -24.01 -15.74
C PHE A 337 -7.90 -24.50 -14.58
N SER A 338 -7.03 -25.47 -14.89
CA SER A 338 -6.07 -26.11 -13.96
C SER A 338 -4.67 -25.95 -14.53
N THR A 339 -3.68 -25.80 -13.65
CA THR A 339 -2.24 -25.71 -14.02
C THR A 339 -1.42 -26.23 -12.83
N VAL A 340 -0.11 -26.30 -13.00
CA VAL A 340 0.86 -26.63 -11.91
C VAL A 340 1.80 -25.44 -11.77
N LEU A 341 1.74 -24.77 -10.61
CA LEU A 341 2.58 -23.60 -10.26
C LEU A 341 3.71 -24.05 -9.34
N GLU A 342 4.96 -23.77 -9.73
CA GLU A 342 6.15 -23.89 -8.85
C GLU A 342 6.62 -22.48 -8.46
N VAL A 343 6.67 -22.22 -7.15
CA VAL A 343 7.39 -21.05 -6.57
C VAL A 343 8.79 -21.53 -6.20
N SER A 344 9.85 -20.88 -6.73
CA SER A 344 11.27 -21.18 -6.44
C SER A 344 11.47 -21.30 -4.93
N ASP A 345 11.79 -22.50 -4.44
CA ASP A 345 11.97 -22.80 -2.98
C ASP A 345 10.73 -22.33 -2.21
N GLY A 346 9.53 -22.49 -2.78
CA GLY A 346 8.25 -22.11 -2.16
C GLY A 346 7.17 -23.17 -2.32
N GLY A 347 7.51 -24.33 -2.92
CA GLY A 347 6.59 -25.46 -3.13
C GLY A 347 6.09 -25.53 -4.56
N ARG A 348 5.50 -26.68 -4.92
CA ARG A 348 4.81 -26.89 -6.22
C ARG A 348 3.36 -27.27 -5.95
N PHE A 349 2.41 -26.68 -6.67
CA PHE A 349 0.96 -26.78 -6.38
C PHE A 349 0.15 -27.01 -7.65
N ALA A 350 -0.83 -27.91 -7.55
CA ALA A 350 -1.96 -28.03 -8.49
C ALA A 350 -2.92 -26.89 -8.20
N LEU A 351 -2.99 -25.92 -9.12
CA LEU A 351 -3.83 -24.70 -8.99
C LEU A 351 -5.01 -24.86 -9.94
N LYS A 352 -6.22 -24.89 -9.38
CA LYS A 352 -7.50 -24.94 -10.14
C LYS A 352 -8.29 -23.67 -9.81
N ILE A 353 -8.60 -22.88 -10.83
CA ILE A 353 -9.33 -21.58 -10.70
C ILE A 353 -10.63 -21.70 -11.51
N GLY A 354 -11.78 -21.51 -10.85
CA GLY A 354 -13.11 -21.53 -11.48
C GLY A 354 -14.14 -20.86 -10.58
N ASP A 355 -15.16 -20.24 -11.19
CA ASP A 355 -16.26 -19.52 -10.48
C ASP A 355 -15.68 -18.53 -9.47
N GLY A 356 -14.59 -17.86 -9.83
CA GLY A 356 -13.94 -16.81 -9.04
C GLY A 356 -13.23 -17.33 -7.79
N ARG A 357 -12.98 -18.64 -7.68
CA ARG A 357 -12.29 -19.25 -6.51
C ARG A 357 -11.15 -20.15 -6.98
N ALA A 358 -10.11 -20.28 -6.15
CA ALA A 358 -8.92 -21.13 -6.41
C ALA A 358 -8.84 -22.25 -5.37
N ARG A 359 -8.49 -23.46 -5.83
CA ARG A 359 -8.02 -24.58 -4.98
C ARG A 359 -6.55 -24.83 -5.34
N CYS A 360 -5.70 -24.93 -4.33
CA CYS A 360 -4.21 -24.94 -4.44
C CYS A 360 -3.66 -26.03 -3.52
N THR A 361 -3.33 -27.20 -4.08
CA THR A 361 -2.95 -28.44 -3.34
C THR A 361 -1.54 -28.89 -3.72
N PRO A 362 -0.80 -29.56 -2.81
CA PRO A 362 0.54 -30.07 -3.13
C PRO A 362 0.53 -31.05 -4.32
N THR A 363 1.56 -31.02 -5.14
CA THR A 363 1.77 -32.00 -6.26
C THR A 363 3.26 -32.14 -6.57
N ASP A 364 3.64 -33.27 -7.14
CA ASP A 364 4.99 -33.51 -7.72
C ASP A 364 4.87 -33.59 -9.24
N ALA A 365 3.69 -33.36 -9.81
CA ALA A 365 3.44 -33.28 -11.27
C ALA A 365 4.35 -32.18 -11.86
N ALA A 366 4.72 -32.33 -13.14
CA ALA A 366 5.58 -31.37 -13.88
C ALA A 366 5.00 -29.96 -13.77
N ALA A 367 5.84 -28.96 -13.47
CA ALA A 367 5.47 -27.53 -13.40
C ALA A 367 5.11 -27.04 -14.80
N GLU A 368 4.01 -26.28 -14.92
CA GLU A 368 3.62 -25.56 -16.16
C GLU A 368 4.00 -24.08 -16.05
N ILE A 369 4.04 -23.56 -14.82
CA ILE A 369 4.44 -22.15 -14.50
C ILE A 369 5.50 -22.19 -13.41
N GLU A 370 6.60 -21.46 -13.59
CA GLU A 370 7.66 -21.24 -12.58
C GLU A 370 7.82 -19.73 -12.35
N MET A 371 8.00 -19.33 -11.09
CA MET A 371 8.33 -17.93 -10.72
C MET A 371 8.94 -17.90 -9.31
N ASP A 372 9.79 -16.91 -9.05
CA ASP A 372 10.28 -16.58 -7.68
C ASP A 372 9.09 -16.09 -6.84
N ARG A 373 9.21 -16.18 -5.52
CA ARG A 373 8.15 -15.79 -4.55
C ARG A 373 7.78 -14.31 -4.74
N ASP A 374 8.75 -13.43 -5.01
CA ASP A 374 8.54 -11.97 -5.15
C ASP A 374 7.55 -11.71 -6.30
N VAL A 375 7.65 -12.49 -7.38
CA VAL A 375 6.82 -12.33 -8.61
C VAL A 375 5.35 -12.58 -8.24
N LEU A 376 5.09 -13.59 -7.41
CA LEU A 376 3.71 -13.94 -6.98
C LEU A 376 3.13 -12.76 -6.20
N GLY A 377 3.92 -12.15 -5.31
CA GLY A 377 3.53 -10.94 -4.56
C GLY A 377 3.08 -9.83 -5.50
N SER A 378 3.84 -9.59 -6.57
CA SER A 378 3.57 -8.55 -7.61
C SER A 378 2.26 -8.86 -8.37
N LEU A 379 1.93 -10.13 -8.57
CA LEU A 379 0.69 -10.56 -9.29
C LEU A 379 -0.54 -10.47 -8.39
N TYR A 380 -0.35 -10.55 -7.06
CA TYR A 380 -1.39 -10.99 -6.11
C TYR A 380 -2.55 -9.98 -6.02
N LEU A 381 -2.30 -8.68 -6.07
CA LEU A 381 -3.37 -7.64 -5.95
C LEU A 381 -3.82 -7.15 -7.35
N GLY A 382 -3.26 -7.70 -8.43
CA GLY A 382 -3.66 -7.39 -9.81
C GLY A 382 -3.02 -6.14 -10.39
N ALA A 383 -1.96 -5.60 -9.77
CA ALA A 383 -1.26 -4.37 -10.20
C ALA A 383 -0.34 -4.64 -11.40
N HIS A 384 0.17 -5.86 -11.52
CA HIS A 384 1.10 -6.29 -12.60
C HIS A 384 0.51 -7.49 -13.34
N ARG A 385 0.61 -7.49 -14.67
CA ARG A 385 0.10 -8.57 -15.54
C ARG A 385 1.14 -9.70 -15.63
N ALA A 386 0.69 -10.96 -15.55
CA ALA A 386 1.53 -12.16 -15.75
C ALA A 386 2.29 -12.04 -17.08
N SER A 387 1.62 -11.57 -18.13
CA SER A 387 2.17 -11.40 -19.50
C SER A 387 3.39 -10.47 -19.48
N THR A 388 3.32 -9.38 -18.73
CA THR A 388 4.42 -8.39 -18.61
C THR A 388 5.61 -9.03 -17.90
N LEU A 389 5.35 -9.76 -16.82
CA LEU A 389 6.40 -10.43 -16.01
C LEU A 389 7.01 -11.59 -16.82
N ALA A 390 6.19 -12.29 -17.62
CA ALA A 390 6.64 -13.34 -18.55
C ALA A 390 7.60 -12.75 -19.60
N ALA A 391 7.31 -11.54 -20.10
CA ALA A 391 8.12 -10.87 -21.15
C ALA A 391 9.51 -10.52 -20.61
N ALA A 392 9.65 -10.35 -19.28
CA ALA A 392 10.94 -10.09 -18.59
C ALA A 392 11.56 -11.40 -18.12
N ASN A 393 10.90 -12.53 -18.41
CA ASN A 393 11.31 -13.91 -18.01
C ASN A 393 11.33 -14.06 -16.48
N ARG A 394 10.58 -13.22 -15.74
CA ARG A 394 10.41 -13.36 -14.26
C ARG A 394 9.39 -14.47 -13.98
N LEU A 395 8.58 -14.81 -14.98
CA LEU A 395 7.51 -15.83 -14.93
C LEU A 395 7.67 -16.72 -16.18
N ARG A 396 8.00 -18.00 -16.00
CA ARG A 396 8.31 -18.94 -17.11
C ARG A 396 7.16 -19.92 -17.33
N THR A 397 6.65 -19.98 -18.56
CA THR A 397 5.71 -21.02 -19.05
C THR A 397 5.93 -21.22 -20.56
N LYS A 398 5.56 -22.38 -21.08
CA LYS A 398 5.69 -22.75 -22.52
C LYS A 398 4.32 -22.64 -23.21
N ASP A 399 3.29 -22.20 -22.46
CA ASP A 399 1.87 -22.14 -22.91
C ASP A 399 1.37 -20.69 -22.83
N SER A 400 1.16 -20.04 -23.99
CA SER A 400 0.70 -18.62 -24.06
C SER A 400 -0.78 -18.52 -23.67
N GLN A 401 -1.57 -19.58 -23.91
CA GLN A 401 -2.98 -19.67 -23.48
C GLN A 401 -3.07 -19.62 -21.95
N LEU A 402 -2.20 -20.36 -21.26
CA LEU A 402 -2.12 -20.37 -19.77
C LEU A 402 -1.82 -18.96 -19.28
N LEU A 403 -0.91 -18.25 -19.96
CA LEU A 403 -0.50 -16.87 -19.63
C LEU A 403 -1.73 -15.94 -19.68
N ARG A 404 -2.50 -16.00 -20.77
CA ARG A 404 -3.72 -15.17 -20.95
C ARG A 404 -4.72 -15.48 -19.83
N ARG A 405 -4.86 -16.76 -19.47
CA ARG A 405 -5.82 -17.22 -18.43
C ARG A 405 -5.38 -16.70 -17.05
N LEU A 406 -4.09 -16.77 -16.73
CA LEU A 406 -3.51 -16.21 -15.48
C LEU A 406 -3.77 -14.71 -15.43
N ASP A 407 -3.39 -13.99 -16.49
CA ASP A 407 -3.62 -12.52 -16.64
C ASP A 407 -5.06 -12.19 -16.24
N ALA A 408 -6.03 -12.84 -16.91
CA ALA A 408 -7.48 -12.58 -16.75
C ALA A 408 -7.91 -12.92 -15.31
N ALA A 409 -7.46 -14.05 -14.77
CA ALA A 409 -7.92 -14.58 -13.46
C ALA A 409 -7.43 -13.68 -12.33
N PHE A 410 -6.15 -13.28 -12.36
CA PHE A 410 -5.49 -12.51 -11.27
C PHE A 410 -5.88 -11.03 -11.34
N ALA A 411 -6.39 -10.55 -12.48
CA ALA A 411 -6.89 -9.18 -12.66
C ALA A 411 -7.90 -8.87 -11.54
N SER A 412 -7.88 -7.64 -11.04
CA SER A 412 -8.82 -7.15 -9.99
C SER A 412 -9.91 -6.28 -10.65
N ASP A 413 -11.17 -6.63 -10.38
CA ASP A 413 -12.38 -5.88 -10.81
C ASP A 413 -12.27 -4.44 -10.30
N VAL A 414 -12.09 -4.27 -8.98
CA VAL A 414 -11.84 -2.96 -8.31
C VAL A 414 -10.34 -2.68 -8.40
N PRO A 415 -9.92 -1.55 -9.01
CA PRO A 415 -8.49 -1.26 -9.18
C PRO A 415 -7.77 -1.18 -7.82
N VAL A 416 -6.57 -1.74 -7.75
CA VAL A 416 -5.74 -1.77 -6.51
C VAL A 416 -5.28 -0.35 -6.20
N GLN A 417 -5.41 0.05 -4.93
CA GLN A 417 -5.00 1.38 -4.42
C GLN A 417 -4.03 1.17 -3.25
N THR A 418 -3.37 2.23 -2.81
CA THR A 418 -2.45 2.21 -1.65
C THR A 418 -3.11 2.98 -0.51
N ALA A 419 -3.18 2.38 0.68
CA ALA A 419 -3.94 2.92 1.84
C ALA A 419 -3.12 4.03 2.52
N PHE A 420 -2.19 3.66 3.40
CA PHE A 420 -1.28 4.58 4.10
C PHE A 420 0.09 3.91 4.20
N GLU A 421 1.15 4.71 4.20
CA GLU A 421 2.55 4.25 4.36
C GLU A 421 2.74 3.81 5.82
N PHE A 422 3.53 2.77 6.04
CA PHE A 422 3.90 2.26 7.38
C PHE A 422 5.36 1.81 7.31
F01 UTD B . 7.08 0.39 16.80
C02 UTD B . 7.10 1.24 15.72
C03 UTD B . 7.78 2.46 15.85
C04 UTD B . 7.79 3.33 14.79
C05 UTD B . 7.17 2.99 13.60
C06 UTD B . 7.21 3.98 12.45
C07 UTD B . 6.24 3.84 11.28
C08 UTD B . 6.65 4.68 10.05
C09 UTD B . 5.70 5.83 9.76
N10 UTD B . 5.76 6.18 8.55
C11 UTD B . 4.60 6.40 8.08
C12 UTD B . 4.29 7.97 7.57
C13 UTD B . 5.27 8.50 6.78
C14 UTD B . 5.02 9.83 5.97
C20 UTD B . 5.94 10.91 6.03
C21 UTD B . 6.68 8.04 7.08
C22 UTD B . 6.79 7.35 8.36
O23 UTD B . 7.98 4.87 12.50
C24 UTD B . 6.51 1.77 13.47
C25 UTD B . 6.49 0.89 14.56
C1 PEG C . -7.23 8.12 -4.53
O1 PEG C . -6.26 8.96 -3.91
C2 PEG C . -8.43 8.89 -5.00
O2 PEG C . -9.59 8.06 -4.96
C3 PEG C . -9.54 6.98 -5.90
C4 PEG C . -10.88 6.81 -6.54
O4 PEG C . -10.79 6.40 -7.89
C1 GOL D . 7.79 -18.46 4.41
O1 GOL D . 6.82 -19.39 4.87
C2 GOL D . 9.17 -18.76 4.97
O2 GOL D . 10.16 -18.60 3.96
C3 GOL D . 9.52 -17.88 6.17
O3 GOL D . 10.66 -18.37 6.86
S DMS E . 6.70 12.93 -5.02
O DMS E . 5.77 14.09 -4.75
C1 DMS E . 7.01 12.18 -3.45
C2 DMS E . 8.30 13.64 -5.28
S DMS F . 8.30 -24.55 -17.60
O DMS F . 7.54 -23.85 -16.52
C1 DMS F . 7.09 -25.19 -18.72
C2 DMS F . 8.95 -23.27 -18.65
C1 GOL G . -25.31 11.03 -17.94
O1 GOL G . -25.81 11.40 -16.65
C2 GOL G . -25.56 12.11 -18.96
O2 GOL G . -26.64 11.73 -19.80
C3 GOL G . -24.34 12.42 -19.81
O3 GOL G . -24.29 13.79 -20.19
C1 GOL H . -1.21 6.23 -0.08
O1 GOL H . -2.14 7.30 0.14
C2 GOL H . 0.22 6.70 -0.07
O2 GOL H . 0.74 6.62 1.26
C3 GOL H . 0.39 8.12 -0.59
O3 GOL H . 1.76 8.48 -0.70
C1 GOL I . 8.63 -5.21 21.07
O1 GOL I . 9.08 -6.52 21.45
C2 GOL I . 7.34 -4.85 21.79
O2 GOL I . 6.34 -5.83 21.51
C3 GOL I . 6.83 -3.47 21.40
O3 GOL I . 5.46 -3.31 21.72
C1 GOL J . 11.91 -0.73 4.87
O1 GOL J . 12.51 0.05 3.84
C2 GOL J . 11.12 0.12 5.84
O2 GOL J . 10.03 -0.64 6.35
C3 GOL J . 11.94 0.67 6.98
O3 GOL J . 13.28 0.96 6.59
C1 GOL K . 9.88 3.33 9.06
O1 GOL K . 9.29 2.23 8.37
C2 GOL K . 9.84 4.60 8.23
O2 GOL K . 10.42 4.35 6.96
C3 GOL K . 10.55 5.77 8.89
O3 GOL K . 9.72 6.91 9.02
C1 GOL L . -11.17 -10.44 -8.75
O1 GOL L . -11.38 -9.74 -9.98
C2 GOL L . -12.25 -10.13 -7.74
O2 GOL L . -12.91 -8.92 -8.10
C3 GOL L . -13.28 -11.24 -7.60
O3 GOL L . -14.48 -10.77 -7.01
CL CL M . -3.79 5.01 -4.08
#